data_7FHR
#
_entry.id   7FHR
#
_cell.length_a   103.416
_cell.length_b   103.416
_cell.length_c   77.590
_cell.angle_alpha   90.000
_cell.angle_beta   90.000
_cell.angle_gamma   120.000
#
_symmetry.space_group_name_H-M   'P 63'
#
loop_
_entity.id
_entity.type
_entity.pdbx_description
1 polymer 'Putative Phthalate 4,5-dioxygenase, subunit alpha'
2 non-polymer 1,2-ETHANEDIOL
3 non-polymer 'GLUTAMIC ACID'
4 non-polymer GLYCINE
5 non-polymer 'FE2/S2 (INORGANIC) CLUSTER'
6 non-polymer 'FE (II) ION'
7 non-polymer GLYCEROL
8 water water
#
_entity_poly.entity_id   1
_entity_poly.type   'polypeptide(L)'
_entity_poly.pdbx_seq_one_letter_code
;SHMLSREDNELLVRVGPGTAMGTMMRLYWIPFLKSSEVTAGGQPYRVRLLGEDLVAFRDNSGNVGLVDHTCPHRGAPMVF
GRNENDGLRCVYHGWKFKVSGQCEEMPCEPADSPMCKRMKIKAYPVKERNGILWAYMGPDAENAPELPDVEWNMVPEEQV
AISMRVQECNWLQALEGELDSAHAAILHGRVGEGGVINQWRQAQDLSPTFECVQHDAGISIGARRKTPDGENYVRVNQFL
MPFWTLVPPQSQFPELSGHAWVPIDDEHTLCLMFSYHPAKPFYERTRKLFKEGHNGRETGHHSDNAFEKRPVTEPYHTYW
SKFNRGNAYQFDYQSQVEKYNSGMPGLWIQDAACQSGTTPILDRSKEHLGTSDTGVARMRRVLLEAVKKLVATGEHPVSS
NAPAAFRWRAVSLTIPLGGDWTKLGEEAMRAEPGKDFGYTP
;
_entity_poly.pdbx_strand_id   A
#
loop_
_chem_comp.id
_chem_comp.type
_chem_comp.name
_chem_comp.formula
EDO non-polymer 1,2-ETHANEDIOL 'C2 H6 O2'
FE2 non-polymer 'FE (II) ION' 'Fe 2'
FES non-polymer 'FE2/S2 (INORGANIC) CLUSTER' 'Fe2 S2'
GOL non-polymer GLYCEROL 'C3 H8 O3'
#
# COMPACT_ATOMS: atom_id res chain seq x y z
N HIS A 2 6.57 6.70 -24.02
CA HIS A 2 7.09 5.89 -22.85
C HIS A 2 8.29 6.56 -22.17
N MET A 3 8.86 7.59 -22.81
CA MET A 3 10.05 8.25 -22.28
C MET A 3 9.65 9.45 -21.44
N LEU A 4 10.19 9.52 -20.22
CA LEU A 4 9.73 10.52 -19.27
C LEU A 4 10.82 11.55 -19.13
N SER A 5 10.42 12.83 -19.15
CA SER A 5 11.24 13.95 -18.73
C SER A 5 11.52 13.90 -17.22
N ARG A 6 12.58 14.58 -16.80
CA ARG A 6 12.80 14.88 -15.41
C ARG A 6 11.54 15.48 -14.80
N GLU A 7 10.90 16.39 -15.55
CA GLU A 7 9.69 17.08 -15.10
C GLU A 7 8.54 16.09 -14.84
N ASP A 8 8.29 15.14 -15.77
CA ASP A 8 7.29 14.10 -15.57
C ASP A 8 7.64 13.27 -14.33
N ASN A 9 8.93 12.91 -14.19
CA ASN A 9 9.35 12.12 -13.04
C ASN A 9 8.98 12.87 -11.75
N GLU A 10 9.28 14.18 -11.70
CA GLU A 10 8.96 15.01 -10.56
C GLU A 10 7.46 15.01 -10.28
N LEU A 11 6.64 15.11 -11.32
CA LEU A 11 5.19 15.13 -11.08
C LEU A 11 4.74 13.86 -10.36
N LEU A 12 5.37 12.72 -10.66
CA LEU A 12 4.94 11.43 -10.12
C LEU A 12 5.47 11.17 -8.70
N VAL A 13 6.73 11.50 -8.44
CA VAL A 13 7.37 11.11 -7.16
C VAL A 13 7.09 12.06 -6.00
N ARG A 14 6.80 13.32 -6.28
CA ARG A 14 6.62 14.33 -5.21
C ARG A 14 5.22 14.22 -4.61
N VAL A 15 5.11 13.94 -3.32
CA VAL A 15 3.77 13.69 -2.72
C VAL A 15 3.47 14.62 -1.53
N GLY A 16 4.38 15.55 -1.24
CA GLY A 16 4.19 16.45 -0.08
C GLY A 16 3.02 17.44 -0.28
N PRO A 17 2.62 18.17 0.79
CA PRO A 17 1.50 19.13 0.71
C PRO A 17 1.69 20.17 -0.41
N GLY A 18 0.65 20.46 -1.18
CA GLY A 18 0.76 21.46 -2.21
C GLY A 18 1.32 20.93 -3.54
N THR A 19 1.87 19.70 -3.57
CA THR A 19 2.39 19.16 -4.84
C THR A 19 1.26 18.59 -5.70
N ALA A 20 1.55 18.36 -6.99
CA ALA A 20 0.54 17.82 -7.88
C ALA A 20 0.04 16.45 -7.39
N MET A 21 0.99 15.52 -7.23
CA MET A 21 0.63 14.14 -6.90
C MET A 21 0.15 14.08 -5.44
N GLY A 22 0.76 14.89 -4.57
CA GLY A 22 0.24 14.99 -3.20
C GLY A 22 -1.19 15.51 -3.12
N THR A 23 -1.56 16.44 -4.02
CA THR A 23 -2.95 16.91 -4.12
C THR A 23 -3.86 15.80 -4.63
N MET A 24 -3.37 15.06 -5.62
CA MET A 24 -4.27 14.07 -6.18
C MET A 24 -4.42 12.92 -5.17
N MET A 25 -3.34 12.55 -4.48
CA MET A 25 -3.43 11.43 -3.52
C MET A 25 -4.43 11.85 -2.45
N ARG A 26 -4.46 13.15 -2.12
CA ARG A 26 -5.31 13.60 -1.03
C ARG A 26 -6.80 13.48 -1.36
N LEU A 27 -7.15 13.12 -2.61
CA LEU A 27 -8.56 12.97 -2.99
C LEU A 27 -9.10 11.59 -2.61
N TYR A 28 -8.22 10.71 -2.11
CA TYR A 28 -8.62 9.33 -1.84
C TYR A 28 -8.39 9.02 -0.37
N TRP A 29 -9.21 8.09 0.17
CA TRP A 29 -9.02 7.59 1.51
C TRP A 29 -7.71 6.81 1.57
N ILE A 30 -6.97 6.99 2.67
CA ILE A 30 -5.64 6.41 2.76
C ILE A 30 -5.68 5.33 3.84
N PRO A 31 -5.44 4.05 3.52
CA PRO A 31 -5.30 3.03 4.58
C PRO A 31 -3.94 3.20 5.27
N PHE A 32 -3.92 3.45 6.58
CA PHE A 32 -2.73 3.99 7.20
C PHE A 32 -2.35 3.28 8.50
N LEU A 33 -3.22 2.44 9.07
CA LEU A 33 -2.84 1.72 10.29
C LEU A 33 -3.76 0.50 10.51
N LYS A 34 -3.26 -0.54 11.21
CA LYS A 34 -4.14 -1.57 11.73
C LYS A 34 -4.87 -1.02 12.95
N SER A 35 -6.13 -1.42 13.12
CA SER A 35 -7.02 -1.11 14.25
C SER A 35 -6.33 -1.41 15.57
N SER A 36 -5.56 -2.49 15.56
CA SER A 36 -5.02 -3.04 16.79
C SER A 36 -3.89 -2.15 17.28
N GLU A 37 -3.45 -1.16 16.46
CA GLU A 37 -2.21 -0.47 16.78
C GLU A 37 -2.48 0.62 17.84
N VAL A 38 -3.72 1.02 17.97
CA VAL A 38 -4.06 2.02 18.95
C VAL A 38 -5.16 1.43 19.83
N THR A 39 -4.83 1.29 21.12
CA THR A 39 -5.79 0.74 22.05
C THR A 39 -6.54 1.91 22.66
N ALA A 40 -7.83 1.70 22.98
CA ALA A 40 -8.70 2.73 23.55
C ALA A 40 -8.07 3.24 24.85
N GLY A 41 -7.85 4.55 24.91
CA GLY A 41 -7.17 5.21 26.00
C GLY A 41 -5.69 4.85 26.16
N GLY A 42 -5.11 4.11 25.21
CA GLY A 42 -3.72 3.67 25.30
C GLY A 42 -2.76 4.66 24.65
N GLN A 43 -1.55 4.17 24.39
CA GLN A 43 -0.51 5.04 23.84
C GLN A 43 -0.89 5.54 22.45
N PRO A 44 -0.65 6.84 22.14
CA PRO A 44 -0.79 7.34 20.77
C PRO A 44 0.33 6.72 19.92
N TYR A 45 0.20 6.82 18.58
CA TYR A 45 1.12 6.18 17.65
C TYR A 45 1.44 7.17 16.52
N ARG A 46 2.72 7.48 16.36
CA ARG A 46 3.16 8.43 15.34
C ARG A 46 3.09 7.79 13.94
N VAL A 47 2.61 8.56 12.96
CA VAL A 47 2.64 8.16 11.55
C VAL A 47 3.12 9.37 10.73
N ARG A 48 3.56 9.13 9.50
CA ARG A 48 3.75 10.23 8.58
C ARG A 48 3.14 9.77 7.26
N LEU A 49 2.34 10.65 6.66
CA LEU A 49 1.58 10.30 5.47
C LEU A 49 1.68 11.47 4.49
N LEU A 50 2.07 11.15 3.26
CA LEU A 50 2.12 12.18 2.21
C LEU A 50 2.94 13.40 2.66
N GLY A 51 4.00 13.11 3.43
CA GLY A 51 4.91 14.15 3.84
C GLY A 51 4.50 14.82 5.15
N GLU A 52 3.40 14.38 5.79
CA GLU A 52 2.94 15.09 6.97
C GLU A 52 3.04 14.22 8.24
N ASP A 53 3.65 14.80 9.29
CA ASP A 53 3.86 14.07 10.54
C ASP A 53 2.66 14.23 11.46
N LEU A 54 2.13 13.09 11.91
CA LEU A 54 0.85 13.08 12.60
C LEU A 54 0.88 12.12 13.77
N VAL A 55 -0.17 12.17 14.60
CA VAL A 55 -0.33 11.25 15.73
C VAL A 55 -1.75 10.69 15.70
N ALA A 56 -1.84 9.37 15.74
CA ALA A 56 -3.15 8.74 15.84
C ALA A 56 -3.34 8.30 17.28
N PHE A 57 -4.60 8.36 17.76
CA PHE A 57 -4.89 7.83 19.10
C PHE A 57 -6.34 7.34 19.08
N ARG A 58 -6.62 6.33 19.89
CA ARG A 58 -7.98 5.84 20.07
C ARG A 58 -8.47 6.30 21.44
N ASP A 59 -9.57 7.05 21.52
CA ASP A 59 -9.97 7.57 22.82
C ASP A 59 -10.66 6.48 23.65
N ASN A 60 -11.08 6.81 24.87
CA ASN A 60 -11.65 5.81 25.77
C ASN A 60 -12.94 5.23 25.21
N SER A 61 -13.69 6.00 24.41
CA SER A 61 -14.91 5.48 23.83
C SER A 61 -14.64 4.72 22.53
N GLY A 62 -13.38 4.50 22.19
CA GLY A 62 -13.07 3.61 21.09
C GLY A 62 -12.93 4.32 19.73
N ASN A 63 -13.02 5.66 19.73
CA ASN A 63 -12.91 6.42 18.49
C ASN A 63 -11.46 6.87 18.25
N VAL A 64 -11.03 6.82 16.98
CA VAL A 64 -9.67 7.17 16.60
C VAL A 64 -9.66 8.59 16.03
N GLY A 65 -8.69 9.39 16.47
CA GLY A 65 -8.34 10.66 15.86
C GLY A 65 -6.91 10.62 15.30
N LEU A 66 -6.68 11.50 14.34
CA LEU A 66 -5.45 11.64 13.62
C LEU A 66 -5.16 13.14 13.59
N VAL A 67 -4.13 13.55 14.35
CA VAL A 67 -3.89 14.97 14.59
C VAL A 67 -2.44 15.32 14.30
N ASP A 68 -2.16 16.62 14.21
CA ASP A 68 -0.80 17.11 14.09
C ASP A 68 0.07 16.47 15.18
N HIS A 69 1.33 16.14 14.87
CA HIS A 69 2.27 15.64 15.89
C HIS A 69 2.81 16.76 16.76
N THR A 70 2.51 18.00 16.36
CA THR A 70 3.03 19.17 17.08
C THR A 70 1.87 19.87 17.76
N CYS A 71 2.01 20.19 19.05
CA CYS A 71 0.98 20.95 19.75
C CYS A 71 0.86 22.35 19.14
N PRO A 72 -0.36 22.84 18.80
CA PRO A 72 -0.53 24.18 18.21
C PRO A 72 -0.29 25.37 19.16
N HIS A 73 -0.09 25.10 20.47
CA HIS A 73 0.24 26.12 21.44
C HIS A 73 1.69 26.59 21.23
N ARG A 74 2.66 25.85 21.80
CA ARG A 74 4.07 26.23 21.73
C ARG A 74 4.92 25.06 21.24
N GLY A 75 4.32 24.07 20.58
CA GLY A 75 5.08 23.16 19.72
C GLY A 75 5.56 21.85 20.34
N ALA A 76 5.02 21.46 21.52
CA ALA A 76 5.46 20.24 22.20
C ALA A 76 5.00 19.02 21.41
N PRO A 77 5.67 17.85 21.54
CA PRO A 77 5.25 16.69 20.78
C PRO A 77 3.97 16.08 21.33
N MET A 78 2.95 15.93 20.48
CA MET A 78 1.69 15.34 20.86
C MET A 78 1.82 13.82 21.14
N VAL A 79 2.88 13.15 20.67
CA VAL A 79 2.97 11.72 20.97
C VAL A 79 3.21 11.51 22.48
N PHE A 80 3.63 12.54 23.22
CA PHE A 80 3.86 12.42 24.65
C PHE A 80 2.62 12.85 25.45
N GLY A 81 1.49 13.11 24.76
CA GLY A 81 0.32 13.61 25.42
C GLY A 81 -0.38 12.49 26.21
N ARG A 82 -1.34 12.90 27.02
CA ARG A 82 -2.06 11.96 27.87
C ARG A 82 -3.37 11.66 27.18
N ASN A 83 -3.59 10.39 26.85
CA ASN A 83 -4.80 9.94 26.19
C ASN A 83 -5.76 9.48 27.30
N GLU A 84 -6.75 10.30 27.63
CA GLU A 84 -7.67 9.98 28.73
C GLU A 84 -8.86 10.91 28.69
N ASN A 85 -9.96 10.47 29.30
CA ASN A 85 -11.20 11.23 29.33
C ASN A 85 -11.53 11.68 27.91
N ASP A 86 -11.37 10.79 26.93
CA ASP A 86 -11.88 11.02 25.58
C ASP A 86 -11.22 12.24 24.94
N GLY A 87 -9.89 12.30 25.06
CA GLY A 87 -9.09 13.38 24.46
C GLY A 87 -7.61 13.06 24.58
N LEU A 88 -6.80 13.84 23.88
CA LEU A 88 -5.35 13.73 24.02
C LEU A 88 -4.87 15.10 24.50
N ARG A 89 -4.14 15.12 25.61
CA ARG A 89 -3.83 16.38 26.27
C ARG A 89 -2.33 16.57 26.25
N CYS A 90 -1.86 17.71 25.70
CA CYS A 90 -0.45 18.05 25.69
C CYS A 90 0.00 18.30 27.13
N VAL A 91 1.16 17.75 27.52
CA VAL A 91 1.54 17.77 28.94
C VAL A 91 2.21 19.10 29.26
N TYR A 92 2.49 19.92 28.24
CA TYR A 92 3.27 21.12 28.51
C TYR A 92 2.38 22.13 29.28
N HIS A 93 1.20 22.46 28.73
CA HIS A 93 0.29 23.41 29.36
C HIS A 93 -1.13 22.88 29.38
N GLY A 94 -1.30 21.59 29.05
CA GLY A 94 -2.59 21.02 29.41
C GLY A 94 -3.65 21.16 28.33
N TRP A 95 -3.32 21.65 27.11
CA TRP A 95 -4.36 21.76 26.08
C TRP A 95 -4.87 20.38 25.70
N LYS A 96 -6.20 20.21 25.72
CA LYS A 96 -6.77 18.90 25.46
C LYS A 96 -7.64 18.93 24.21
N PHE A 97 -7.46 17.92 23.34
CA PHE A 97 -8.10 17.86 22.04
C PHE A 97 -8.92 16.58 21.93
N LYS A 98 -10.11 16.72 21.36
CA LYS A 98 -10.93 15.57 21.02
C LYS A 98 -10.42 14.96 19.71
N VAL A 99 -10.95 13.79 19.36
CA VAL A 99 -10.62 13.15 18.11
C VAL A 99 -10.89 14.05 16.90
N SER A 100 -11.86 14.96 16.99
CA SER A 100 -12.18 15.84 15.87
C SER A 100 -11.12 16.92 15.70
N GLY A 101 -10.26 17.15 16.69
CA GLY A 101 -9.32 18.27 16.62
C GLY A 101 -9.73 19.49 17.45
N GLN A 102 -11.01 19.54 17.84
CA GLN A 102 -11.54 20.61 18.67
C GLN A 102 -10.84 20.61 20.03
N CYS A 103 -10.33 21.78 20.45
CA CYS A 103 -9.76 21.93 21.77
C CYS A 103 -10.90 22.02 22.79
N GLU A 104 -10.70 21.40 23.96
CA GLU A 104 -11.78 21.15 24.92
C GLU A 104 -11.43 21.87 26.24
N GLU A 105 -10.13 22.11 26.46
CA GLU A 105 -9.68 22.71 27.70
C GLU A 105 -8.29 23.31 27.49
N MET A 106 -8.08 24.45 28.13
CA MET A 106 -6.80 25.09 28.30
C MET A 106 -6.71 25.51 29.77
N PRO A 107 -6.25 24.60 30.65
CA PRO A 107 -6.30 24.82 32.09
C PRO A 107 -5.57 26.10 32.54
N CYS A 108 -4.62 26.59 31.74
CA CYS A 108 -3.89 27.72 32.28
C CYS A 108 -4.57 29.02 31.91
N GLU A 109 -5.66 28.97 31.13
CA GLU A 109 -6.28 30.20 30.68
C GLU A 109 -7.45 30.58 31.59
N PRO A 110 -7.83 31.88 31.74
CA PRO A 110 -9.07 32.24 32.44
C PRO A 110 -10.22 31.36 31.99
N ALA A 111 -11.19 31.12 32.87
CA ALA A 111 -12.25 30.18 32.53
C ALA A 111 -13.31 30.82 31.62
N ASP A 112 -13.32 32.15 31.53
CA ASP A 112 -14.21 32.91 30.67
C ASP A 112 -13.70 32.92 29.22
N SER A 113 -12.42 32.58 29.01
CA SER A 113 -11.71 32.82 27.75
C SER A 113 -12.34 32.07 26.57
N PRO A 114 -12.55 32.73 25.40
CA PRO A 114 -13.16 32.06 24.23
C PRO A 114 -12.14 31.40 23.30
N MET A 115 -10.84 31.58 23.60
CA MET A 115 -9.74 31.02 22.81
C MET A 115 -9.95 29.51 22.66
N CYS A 116 -10.34 28.85 23.74
CA CYS A 116 -10.45 27.40 23.71
C CYS A 116 -11.45 26.95 22.65
N LYS A 117 -12.69 27.47 22.64
CA LYS A 117 -13.68 26.98 21.69
C LYS A 117 -13.28 27.33 20.26
N ARG A 118 -12.45 28.36 20.07
CA ARG A 118 -12.02 28.69 18.72
C ARG A 118 -10.84 27.79 18.26
N MET A 119 -10.20 27.09 19.19
CA MET A 119 -8.93 26.44 18.86
C MET A 119 -9.18 25.04 18.31
N LYS A 120 -8.49 24.69 17.19
CA LYS A 120 -8.44 23.32 16.67
C LYS A 120 -6.99 22.91 16.38
N ILE A 121 -6.62 21.67 16.71
CA ILE A 121 -5.36 21.14 16.19
C ILE A 121 -5.64 20.62 14.76
N LYS A 122 -4.68 20.75 13.81
CA LYS A 122 -4.92 20.15 12.51
C LYS A 122 -5.34 18.69 12.75
N ALA A 123 -6.43 18.25 12.15
CA ALA A 123 -6.86 16.86 12.31
C ALA A 123 -7.49 16.35 11.02
N TYR A 124 -7.50 15.03 10.81
CA TYR A 124 -8.13 14.48 9.60
C TYR A 124 -9.15 13.43 10.04
N PRO A 125 -10.29 13.30 9.35
CA PRO A 125 -11.29 12.26 9.66
C PRO A 125 -10.74 10.86 9.46
N VAL A 126 -11.05 9.96 10.39
CA VAL A 126 -10.66 8.58 10.27
C VAL A 126 -11.94 7.75 10.18
N LYS A 127 -11.93 6.74 9.29
CA LYS A 127 -12.92 5.67 9.29
C LYS A 127 -12.21 4.35 9.59
N GLU A 128 -12.99 3.37 10.07
CA GLU A 128 -12.45 2.08 10.47
C GLU A 128 -13.24 0.95 9.80
N ARG A 129 -12.57 0.00 9.13
CA ARG A 129 -13.31 -1.11 8.51
C ARG A 129 -12.46 -2.38 8.52
N ASN A 130 -13.04 -3.47 9.09
CA ASN A 130 -12.42 -4.78 9.08
C ASN A 130 -10.96 -4.71 9.55
N GLY A 131 -10.73 -3.95 10.63
CA GLY A 131 -9.41 -3.97 11.27
C GLY A 131 -8.38 -3.01 10.66
N ILE A 132 -8.84 -2.08 9.80
CA ILE A 132 -7.98 -1.13 9.11
C ILE A 132 -8.50 0.28 9.34
N LEU A 133 -7.57 1.17 9.69
CA LEU A 133 -7.91 2.57 9.83
C LEU A 133 -7.52 3.32 8.56
N TRP A 134 -8.44 4.19 8.11
CA TRP A 134 -8.37 4.97 6.88
C TRP A 134 -8.50 6.45 7.21
N ALA A 135 -7.73 7.31 6.52
CA ALA A 135 -7.79 8.74 6.80
C ALA A 135 -8.16 9.50 5.53
N TYR A 136 -8.89 10.62 5.70
CA TYR A 136 -9.14 11.46 4.55
C TYR A 136 -8.41 12.77 4.76
N MET A 137 -7.46 13.04 3.85
CA MET A 137 -6.57 14.17 4.02
C MET A 137 -6.85 15.28 2.99
N GLY A 138 -7.97 15.15 2.28
CA GLY A 138 -8.32 16.16 1.28
C GLY A 138 -8.89 17.44 1.89
N PRO A 139 -8.92 18.57 1.14
CA PRO A 139 -9.26 19.87 1.73
C PRO A 139 -10.75 19.99 2.06
N ASP A 140 -11.58 19.07 1.56
CA ASP A 140 -13.01 19.19 1.76
C ASP A 140 -13.60 17.90 2.31
N ALA A 141 -13.45 17.69 3.61
CA ALA A 141 -13.85 16.43 4.24
C ALA A 141 -15.35 16.17 4.09
N GLU A 142 -16.14 17.27 4.11
CA GLU A 142 -17.59 17.07 4.12
C GLU A 142 -18.07 16.54 2.78
N ASN A 143 -17.17 16.57 1.78
CA ASN A 143 -17.49 16.10 0.45
C ASN A 143 -16.76 14.81 0.08
N ALA A 144 -16.16 14.12 1.06
CA ALA A 144 -15.42 12.87 0.88
C ALA A 144 -16.41 11.78 0.48
N PRO A 145 -16.07 10.89 -0.49
CA PRO A 145 -16.95 9.77 -0.82
C PRO A 145 -16.81 8.74 0.30
N GLU A 146 -17.57 7.64 0.19
CA GLU A 146 -17.37 6.48 1.03
C GLU A 146 -15.98 5.85 0.75
N LEU A 147 -15.54 4.96 1.68
CA LEU A 147 -14.36 4.16 1.45
C LEU A 147 -14.47 3.47 0.09
N PRO A 148 -13.36 3.15 -0.60
CA PRO A 148 -13.41 2.40 -1.85
C PRO A 148 -13.84 0.97 -1.58
N ASP A 149 -14.52 0.39 -2.58
CA ASP A 149 -15.03 -0.99 -2.49
C ASP A 149 -13.90 -1.96 -2.88
N VAL A 150 -12.80 -1.91 -2.12
CA VAL A 150 -11.71 -2.85 -2.26
C VAL A 150 -12.08 -4.14 -1.51
N GLU A 151 -12.28 -5.24 -2.25
CA GLU A 151 -12.80 -6.47 -1.67
C GLU A 151 -11.94 -6.96 -0.50
N TRP A 152 -10.62 -6.77 -0.58
CA TRP A 152 -9.78 -7.33 0.47
C TRP A 152 -10.18 -6.81 1.84
N ASN A 153 -10.74 -5.59 1.91
CA ASN A 153 -11.06 -4.94 3.16
C ASN A 153 -12.57 -5.00 3.41
N MET A 154 -13.27 -5.82 2.62
CA MET A 154 -14.72 -6.01 2.77
C MET A 154 -15.08 -7.43 3.18
N VAL A 155 -14.12 -8.36 3.20
CA VAL A 155 -14.47 -9.71 3.56
C VAL A 155 -14.36 -9.81 5.08
N PRO A 156 -14.99 -10.82 5.73
CA PRO A 156 -14.78 -11.03 7.16
C PRO A 156 -13.30 -11.28 7.39
N GLU A 157 -12.82 -10.85 8.56
CA GLU A 157 -11.41 -10.88 8.90
C GLU A 157 -10.78 -12.28 8.83
N GLU A 158 -11.58 -13.35 8.95
CA GLU A 158 -10.98 -14.67 8.97
C GLU A 158 -10.59 -15.06 7.55
N GLN A 159 -11.00 -14.24 6.57
CA GLN A 159 -10.64 -14.53 5.19
C GLN A 159 -9.38 -13.77 4.75
N VAL A 160 -8.80 -12.90 5.60
CA VAL A 160 -7.76 -11.98 5.16
C VAL A 160 -6.59 -11.97 6.14
N ALA A 161 -5.37 -11.79 5.60
CA ALA A 161 -4.13 -11.64 6.35
C ALA A 161 -3.44 -10.34 5.85
N ILE A 162 -2.93 -9.54 6.81
CA ILE A 162 -2.45 -8.18 6.59
C ILE A 162 -1.02 -8.11 7.13
N SER A 163 -0.10 -7.38 6.47
CA SER A 163 1.12 -6.95 7.15
C SER A 163 1.46 -5.52 6.70
N MET A 164 2.29 -4.83 7.47
CA MET A 164 2.80 -3.62 6.87
C MET A 164 4.28 -3.50 7.19
N ARG A 165 5.04 -2.75 6.37
CA ARG A 165 6.46 -2.48 6.60
C ARG A 165 6.82 -1.15 5.94
N VAL A 166 7.85 -0.46 6.45
CA VAL A 166 8.37 0.72 5.81
C VAL A 166 9.44 0.27 4.81
N GLN A 167 9.34 0.75 3.58
CA GLN A 167 10.42 0.52 2.63
C GLN A 167 11.10 1.86 2.32
N GLU A 168 12.43 1.86 2.29
CA GLU A 168 13.22 3.09 2.17
C GLU A 168 13.33 3.53 0.70
N CYS A 169 12.18 3.66 0.00
CA CYS A 169 12.27 4.25 -1.33
C CYS A 169 10.94 4.95 -1.62
N ASN A 170 10.91 5.74 -2.69
CA ASN A 170 9.69 6.38 -3.17
C ASN A 170 8.64 5.36 -3.56
N TRP A 171 7.36 5.73 -3.35
CA TRP A 171 6.25 4.82 -3.57
C TRP A 171 6.20 4.21 -4.98
N LEU A 172 6.42 4.99 -6.04
CA LEU A 172 6.00 4.52 -7.34
C LEU A 172 6.92 3.38 -7.83
N GLN A 173 8.23 3.47 -7.63
CA GLN A 173 9.11 2.37 -8.04
C GLN A 173 8.80 1.07 -7.26
N ALA A 174 8.20 1.18 -6.06
CA ALA A 174 7.84 -0.06 -5.38
C ALA A 174 6.57 -0.62 -6.00
N LEU A 175 5.59 0.23 -6.26
CA LEU A 175 4.32 -0.15 -6.89
C LEU A 175 4.58 -0.82 -8.25
N GLU A 176 5.53 -0.27 -9.02
CA GLU A 176 5.82 -0.78 -10.36
C GLU A 176 6.19 -2.25 -10.26
N GLY A 177 6.85 -2.62 -9.15
CA GLY A 177 7.37 -3.98 -9.01
C GLY A 177 6.26 -5.03 -8.98
N GLU A 178 5.02 -4.57 -8.77
CA GLU A 178 3.88 -5.47 -8.66
C GLU A 178 2.98 -5.38 -9.90
N LEU A 179 3.49 -4.77 -10.98
CA LEU A 179 2.76 -4.73 -12.25
C LEU A 179 3.72 -5.21 -13.33
N ASP A 180 4.58 -6.14 -12.94
CA ASP A 180 5.79 -6.47 -13.68
C ASP A 180 5.93 -8.00 -13.74
N SER A 181 4.91 -8.68 -14.30
CA SER A 181 4.80 -10.14 -14.31
C SER A 181 6.12 -10.88 -14.62
N ALA A 182 6.87 -10.43 -15.64
CA ALA A 182 8.08 -11.14 -16.06
C ALA A 182 9.18 -11.19 -14.99
N HIS A 183 9.20 -10.28 -13.99
CA HIS A 183 10.30 -10.28 -13.01
C HIS A 183 10.35 -11.56 -12.16
N ALA A 184 9.18 -12.14 -11.90
CA ALA A 184 9.03 -12.99 -10.72
C ALA A 184 9.87 -14.25 -10.84
N ALA A 185 9.85 -14.88 -12.02
CA ALA A 185 10.54 -16.16 -12.19
C ALA A 185 12.05 -15.95 -12.14
N ILE A 186 12.47 -14.76 -12.53
CA ILE A 186 13.88 -14.43 -12.55
C ILE A 186 14.32 -14.14 -11.13
N LEU A 187 13.74 -13.09 -10.50
CA LEU A 187 14.21 -12.61 -9.19
C LEU A 187 14.05 -13.66 -8.08
N HIS A 188 12.93 -14.40 -8.10
CA HIS A 188 12.48 -15.25 -6.99
C HIS A 188 12.76 -16.74 -7.23
N GLY A 189 13.37 -17.08 -8.37
CA GLY A 189 13.66 -18.48 -8.70
C GLY A 189 14.84 -19.11 -7.94
N ARG A 190 14.89 -20.45 -8.01
CA ARG A 190 15.95 -21.29 -7.44
C ARG A 190 17.03 -21.63 -8.48
N VAL A 191 18.28 -21.77 -8.00
CA VAL A 191 19.40 -22.06 -8.89
C VAL A 191 19.16 -23.43 -9.54
N GLY A 192 19.49 -23.55 -10.84
CA GLY A 192 19.30 -24.78 -11.60
C GLY A 192 17.83 -25.07 -11.90
N GLU A 193 17.30 -26.16 -11.27
CA GLU A 193 15.88 -26.52 -11.30
C GLU A 193 15.17 -25.82 -10.13
N ILE A 197 10.93 -30.32 -14.37
CA ILE A 197 9.64 -29.56 -14.28
C ILE A 197 9.96 -28.16 -13.73
N ASN A 198 8.92 -27.35 -13.48
CA ASN A 198 9.07 -25.97 -13.03
C ASN A 198 8.47 -25.79 -11.63
N GLN A 199 8.42 -24.53 -11.17
CA GLN A 199 8.14 -24.18 -9.77
C GLN A 199 6.87 -23.31 -9.68
N TRP A 200 6.75 -22.34 -10.62
CA TRP A 200 5.53 -21.63 -11.01
C TRP A 200 5.33 -21.82 -12.52
N ARG A 201 4.13 -21.53 -13.03
CA ARG A 201 3.83 -21.73 -14.49
C ARG A 201 4.38 -20.54 -15.26
N GLN A 202 4.64 -19.44 -14.58
CA GLN A 202 5.31 -18.27 -15.12
C GLN A 202 6.73 -18.64 -15.56
N ALA A 203 7.36 -19.60 -14.88
CA ALA A 203 8.69 -20.09 -15.26
C ALA A 203 8.68 -20.76 -16.64
N GLN A 204 7.49 -21.16 -17.15
CA GLN A 204 7.42 -21.87 -18.43
C GLN A 204 7.66 -20.92 -19.61
N ASP A 205 7.23 -19.64 -19.50
CA ASP A 205 7.38 -18.67 -20.56
C ASP A 205 7.92 -17.38 -19.94
N LEU A 206 9.19 -17.06 -20.23
CA LEU A 206 9.93 -16.00 -19.53
C LEU A 206 9.67 -14.65 -20.18
N SER A 207 9.07 -14.66 -21.37
CA SER A 207 8.77 -13.39 -22.03
C SER A 207 7.30 -13.30 -22.40
N PRO A 208 6.40 -13.03 -21.43
CA PRO A 208 5.01 -12.76 -21.78
C PRO A 208 4.94 -11.59 -22.77
N THR A 209 3.87 -11.58 -23.57
CA THR A 209 3.43 -10.42 -24.33
C THR A 209 2.37 -9.74 -23.45
N PHE A 210 2.07 -8.45 -23.73
CA PHE A 210 1.26 -7.61 -22.85
C PHE A 210 0.06 -7.00 -23.56
N GLU A 211 -1.09 -7.03 -22.87
CA GLU A 211 -2.23 -6.25 -23.34
C GLU A 211 -2.87 -5.58 -22.13
N CYS A 212 -3.23 -4.30 -22.29
CA CYS A 212 -3.74 -3.53 -21.17
C CYS A 212 -5.08 -2.90 -21.53
N VAL A 213 -5.98 -2.88 -20.55
CA VAL A 213 -7.30 -2.33 -20.77
C VAL A 213 -7.60 -1.38 -19.61
N GLN A 214 -7.81 -0.10 -19.95
CA GLN A 214 -8.09 0.94 -18.96
C GLN A 214 -9.55 0.83 -18.55
N HIS A 215 -9.81 1.12 -17.28
CA HIS A 215 -11.19 1.28 -16.84
C HIS A 215 -11.23 2.50 -15.94
N ASP A 216 -12.38 2.72 -15.29
CA ASP A 216 -12.59 3.98 -14.60
C ASP A 216 -11.62 4.16 -13.44
N ALA A 217 -11.19 3.05 -12.82
CA ALA A 217 -10.40 3.17 -11.60
C ALA A 217 -8.95 2.71 -11.81
N GLY A 218 -8.53 2.48 -13.05
CA GLY A 218 -7.14 2.10 -13.26
C GLY A 218 -6.92 1.37 -14.57
N ILE A 219 -6.15 0.26 -14.54
CA ILE A 219 -5.83 -0.50 -15.73
C ILE A 219 -5.68 -1.99 -15.37
N SER A 220 -6.13 -2.87 -16.28
CA SER A 220 -5.93 -4.31 -16.22
C SER A 220 -4.77 -4.61 -17.16
N ILE A 221 -3.78 -5.35 -16.65
CA ILE A 221 -2.59 -5.69 -17.41
C ILE A 221 -2.51 -7.21 -17.60
N GLY A 222 -2.77 -7.66 -18.83
CA GLY A 222 -2.76 -9.09 -19.09
C GLY A 222 -1.40 -9.52 -19.61
N ALA A 223 -0.69 -10.36 -18.84
CA ALA A 223 0.56 -10.92 -19.31
C ALA A 223 0.23 -12.27 -19.96
N ARG A 224 0.41 -12.36 -21.29
CA ARG A 224 -0.01 -13.59 -21.96
C ARG A 224 1.22 -14.46 -22.15
N ARG A 225 1.17 -15.70 -21.63
CA ARG A 225 2.23 -16.68 -21.82
C ARG A 225 1.71 -17.89 -22.62
N LYS A 226 2.66 -18.64 -23.20
CA LYS A 226 2.47 -19.96 -23.80
C LYS A 226 2.51 -21.04 -22.74
N THR A 227 1.67 -22.07 -22.94
CA THR A 227 1.60 -23.21 -22.04
C THR A 227 2.27 -24.38 -22.74
N PRO A 228 2.85 -25.37 -22.03
CA PRO A 228 3.54 -26.47 -22.72
C PRO A 228 2.58 -27.31 -23.58
N ASP A 229 1.29 -26.89 -23.66
CA ASP A 229 0.25 -27.58 -24.43
C ASP A 229 -0.32 -26.70 -25.53
N GLY A 230 0.23 -25.48 -25.73
CA GLY A 230 -0.24 -24.59 -26.79
C GLY A 230 -1.58 -23.92 -26.47
N GLU A 231 -1.89 -23.81 -25.18
CA GLU A 231 -2.93 -22.91 -24.72
C GLU A 231 -2.25 -21.63 -24.24
N ASN A 232 -3.06 -20.63 -23.82
CA ASN A 232 -2.57 -19.40 -23.21
C ASN A 232 -2.80 -19.41 -21.70
N TYR A 233 -1.77 -18.99 -20.95
CA TYR A 233 -1.89 -18.72 -19.53
C TYR A 233 -1.79 -17.18 -19.37
N VAL A 234 -2.93 -16.55 -19.02
CA VAL A 234 -2.97 -15.10 -18.89
C VAL A 234 -3.00 -14.74 -17.41
N ARG A 235 -1.93 -14.04 -16.94
CA ARG A 235 -1.95 -13.42 -15.63
C ARG A 235 -2.33 -11.93 -15.79
N VAL A 236 -3.44 -11.53 -15.18
CA VAL A 236 -3.94 -10.17 -15.27
C VAL A 236 -3.71 -9.47 -13.93
N ASN A 237 -2.65 -8.65 -13.87
CA ASN A 237 -2.40 -7.78 -12.73
C ASN A 237 -3.30 -6.55 -12.80
N GLN A 238 -3.74 -6.05 -11.65
CA GLN A 238 -4.64 -4.93 -11.61
C GLN A 238 -3.95 -3.77 -10.91
N PHE A 239 -4.03 -2.59 -11.53
CA PHE A 239 -3.70 -1.31 -10.90
C PHE A 239 -4.99 -0.57 -10.62
N LEU A 240 -5.16 -0.11 -9.36
CA LEU A 240 -6.32 0.70 -9.01
C LEU A 240 -5.82 2.03 -8.44
N MET A 241 -6.44 3.16 -8.83
CA MET A 241 -5.93 4.46 -8.45
C MET A 241 -6.09 4.70 -6.95
N PRO A 242 -5.15 5.43 -6.29
CA PRO A 242 -3.91 5.89 -6.93
C PRO A 242 -2.70 4.97 -6.73
N PHE A 243 -2.81 3.97 -5.83
CA PHE A 243 -1.61 3.27 -5.37
C PHE A 243 -1.87 1.80 -5.04
N TRP A 244 -2.87 1.17 -5.67
CA TRP A 244 -3.18 -0.23 -5.43
C TRP A 244 -2.64 -1.14 -6.54
N THR A 245 -2.14 -2.34 -6.14
CA THR A 245 -1.80 -3.38 -7.09
C THR A 245 -2.45 -4.68 -6.60
N LEU A 246 -2.98 -5.48 -7.55
CA LEU A 246 -3.52 -6.81 -7.29
C LEU A 246 -2.73 -7.85 -8.08
N VAL A 247 -2.31 -8.91 -7.36
CA VAL A 247 -1.43 -9.96 -7.85
C VAL A 247 -2.26 -11.19 -8.24
N PRO A 248 -2.10 -11.75 -9.48
CA PRO A 248 -2.88 -12.91 -9.94
C PRO A 248 -2.52 -14.15 -9.10
N PRO A 249 -3.51 -14.97 -8.67
CA PRO A 249 -3.20 -16.08 -7.74
C PRO A 249 -2.29 -17.15 -8.37
N GLN A 250 -1.60 -17.94 -7.53
CA GLN A 250 -0.88 -19.12 -7.98
C GLN A 250 -1.79 -20.35 -7.85
N SER A 251 -1.25 -21.49 -8.31
CA SER A 251 -1.89 -22.81 -8.31
C SER A 251 -2.18 -23.28 -6.90
N GLN A 252 -1.15 -23.30 -6.04
CA GLN A 252 -1.32 -23.99 -4.78
C GLN A 252 -1.78 -23.03 -3.69
N PHE A 253 -2.83 -23.42 -2.97
CA PHE A 253 -3.37 -22.57 -1.92
C PHE A 253 -3.55 -21.17 -2.49
N PRO A 254 -4.30 -21.09 -3.62
CA PRO A 254 -4.54 -19.83 -4.33
C PRO A 254 -5.14 -18.78 -3.42
N GLU A 255 -4.57 -17.57 -3.48
CA GLU A 255 -5.15 -16.46 -2.75
C GLU A 255 -4.90 -15.18 -3.57
N LEU A 256 -5.65 -14.14 -3.22
CA LEU A 256 -5.53 -12.83 -3.86
C LEU A 256 -4.73 -11.91 -2.93
N SER A 257 -3.49 -11.59 -3.32
CA SER A 257 -2.62 -10.67 -2.61
C SER A 257 -2.58 -9.31 -3.34
N GLY A 258 -2.05 -8.31 -2.66
CA GLY A 258 -1.81 -7.01 -3.28
C GLY A 258 -1.32 -6.04 -2.23
N HIS A 259 -1.18 -4.75 -2.59
CA HIS A 259 -0.71 -3.75 -1.66
C HIS A 259 -1.42 -2.43 -1.93
N ALA A 260 -1.53 -1.62 -0.89
CA ALA A 260 -1.59 -0.19 -1.13
C ALA A 260 -0.18 0.29 -0.84
N TRP A 261 0.41 1.01 -1.82
CA TRP A 261 1.77 1.47 -1.64
C TRP A 261 1.72 2.94 -1.21
N VAL A 262 1.57 3.15 0.10
CA VAL A 262 1.16 4.44 0.65
C VAL A 262 2.41 5.28 0.80
N PRO A 263 2.50 6.49 0.17
CA PRO A 263 3.65 7.32 0.36
C PRO A 263 3.69 7.92 1.75
N ILE A 264 4.78 7.61 2.44
CA ILE A 264 5.00 8.18 3.76
C ILE A 264 5.57 9.58 3.52
N ASP A 265 6.64 9.66 2.71
CA ASP A 265 7.13 10.94 2.22
C ASP A 265 7.81 10.67 0.88
N ASP A 266 8.60 11.62 0.38
CA ASP A 266 9.10 11.40 -0.97
C ASP A 266 10.10 10.22 -1.03
N GLU A 267 10.64 9.84 0.13
N GLU A 267 10.65 9.82 0.11
CA GLU A 267 11.71 8.84 0.19
CA GLU A 267 11.68 8.78 0.08
C GLU A 267 11.26 7.51 0.82
C GLU A 267 11.29 7.52 0.89
N HIS A 268 10.05 7.44 1.36
CA HIS A 268 9.61 6.27 2.12
C HIS A 268 8.19 5.88 1.77
N THR A 269 7.92 4.56 1.88
CA THR A 269 6.64 3.99 1.52
C THR A 269 6.20 3.01 2.60
N LEU A 270 4.93 3.12 2.96
CA LEU A 270 4.27 2.16 3.84
C LEU A 270 3.68 1.08 2.95
N CYS A 271 4.25 -0.12 3.05
CA CYS A 271 3.86 -1.21 2.17
C CYS A 271 2.82 -2.06 2.91
N LEU A 272 1.54 -1.71 2.68
CA LEU A 272 0.42 -2.38 3.30
C LEU A 272 0.01 -3.55 2.41
N MET A 273 0.32 -4.78 2.88
CA MET A 273 0.02 -5.95 2.06
C MET A 273 -1.15 -6.74 2.64
N PHE A 274 -1.98 -7.27 1.72
CA PHE A 274 -3.14 -8.06 2.07
C PHE A 274 -3.10 -9.33 1.24
N SER A 275 -3.58 -10.43 1.84
CA SER A 275 -3.76 -11.69 1.14
C SER A 275 -5.11 -12.21 1.59
N TYR A 276 -6.03 -12.50 0.65
CA TYR A 276 -7.35 -12.95 1.08
C TYR A 276 -7.84 -14.11 0.21
N HIS A 277 -8.67 -14.96 0.84
CA HIS A 277 -9.53 -15.84 0.06
C HIS A 277 -10.88 -15.12 -0.15
N PRO A 278 -11.34 -15.04 -1.41
CA PRO A 278 -12.65 -14.39 -1.68
C PRO A 278 -13.87 -15.10 -1.08
N ALA A 279 -13.76 -16.39 -0.73
CA ALA A 279 -15.00 -17.09 -0.34
C ALA A 279 -14.87 -17.99 0.90
N LYS A 280 -13.65 -18.34 1.32
CA LYS A 280 -13.46 -19.27 2.43
C LYS A 280 -12.56 -18.63 3.49
N PRO A 281 -12.51 -19.17 4.72
CA PRO A 281 -11.56 -18.70 5.74
C PRO A 281 -10.14 -18.89 5.22
N PHE A 282 -9.22 -17.97 5.55
CA PHE A 282 -7.88 -18.02 4.95
C PHE A 282 -7.12 -19.26 5.42
N TYR A 283 -6.32 -19.86 4.54
CA TYR A 283 -5.49 -21.03 4.87
C TYR A 283 -4.74 -20.77 6.18
N GLU A 284 -4.99 -21.63 7.18
CA GLU A 284 -4.34 -21.44 8.48
C GLU A 284 -2.82 -21.59 8.41
N ARG A 285 -2.35 -22.51 7.57
CA ARG A 285 -0.93 -22.74 7.47
C ARG A 285 -0.25 -21.50 6.84
N THR A 286 -0.85 -20.98 5.75
CA THR A 286 -0.33 -19.80 5.06
C THR A 286 -0.24 -18.64 6.04
N ARG A 287 -1.32 -18.42 6.80
CA ARG A 287 -1.36 -17.31 7.73
C ARG A 287 -0.14 -17.34 8.65
N LYS A 288 0.16 -18.54 9.20
CA LYS A 288 1.21 -18.67 10.19
C LYS A 288 2.57 -18.41 9.53
N LEU A 289 2.70 -18.85 8.27
CA LEU A 289 4.00 -18.74 7.62
C LEU A 289 4.27 -17.27 7.27
N PHE A 290 3.21 -16.52 6.96
CA PHE A 290 3.41 -15.09 6.77
C PHE A 290 3.97 -14.49 8.07
N LYS A 291 3.42 -14.95 9.21
CA LYS A 291 3.72 -14.31 10.47
C LYS A 291 5.06 -14.74 11.02
N GLU A 292 5.48 -15.96 10.69
CA GLU A 292 6.62 -16.53 11.35
C GLU A 292 7.79 -16.69 10.37
N GLY A 293 7.52 -16.57 9.06
CA GLY A 293 8.55 -16.86 8.07
C GLY A 293 8.41 -18.29 7.55
N HIS A 294 9.10 -18.58 6.44
CA HIS A 294 8.88 -19.83 5.73
C HIS A 294 10.25 -20.39 5.39
N ASN A 295 10.62 -21.52 6.01
CA ASN A 295 11.93 -22.13 5.86
C ASN A 295 13.01 -21.14 6.29
N GLY A 296 12.74 -20.34 7.32
CA GLY A 296 13.70 -19.35 7.80
C GLY A 296 13.82 -18.09 6.91
N ARG A 297 12.90 -17.91 5.94
CA ARG A 297 12.96 -16.79 5.00
C ARG A 297 11.66 -15.99 5.07
N GLU A 298 11.71 -14.67 4.80
CA GLU A 298 10.48 -13.89 4.71
C GLU A 298 9.67 -14.39 3.51
N THR A 299 8.34 -14.35 3.66
CA THR A 299 7.41 -14.50 2.56
C THR A 299 7.30 -13.15 1.84
N GLY A 300 6.21 -12.98 1.03
CA GLY A 300 5.81 -11.67 0.54
C GLY A 300 5.40 -10.74 1.69
N HIS A 301 4.88 -11.30 2.80
CA HIS A 301 4.58 -10.49 3.98
C HIS A 301 5.80 -10.35 4.88
N HIS A 302 5.80 -9.26 5.65
CA HIS A 302 6.80 -9.09 6.69
C HIS A 302 6.38 -9.95 7.87
N SER A 303 7.33 -10.73 8.39
CA SER A 303 7.08 -11.52 9.58
C SER A 303 6.96 -10.64 10.83
N ASP A 304 6.33 -11.18 11.90
CA ASP A 304 5.96 -10.36 13.03
C ASP A 304 7.17 -9.96 13.87
N ASN A 305 8.23 -10.75 13.87
CA ASN A 305 9.25 -10.42 14.84
C ASN A 305 10.58 -10.02 14.23
N ALA A 306 10.55 -9.39 13.03
CA ALA A 306 11.81 -9.08 12.38
C ALA A 306 11.92 -7.56 12.14
N PHE A 307 11.34 -6.79 13.06
CA PHE A 307 11.47 -5.33 13.00
C PHE A 307 12.49 -4.85 14.00
N GLU A 308 13.18 -3.79 13.65
CA GLU A 308 14.08 -3.06 14.54
C GLU A 308 13.28 -2.28 15.56
N LYS A 309 13.97 -1.81 16.61
CA LYS A 309 13.39 -0.94 17.61
C LYS A 309 13.58 0.50 17.16
N ARG A 310 12.53 1.32 17.27
N ARG A 310 12.51 1.30 17.25
CA ARG A 310 12.65 2.75 17.02
CA ARG A 310 12.65 2.75 17.03
C ARG A 310 11.87 3.49 18.09
C ARG A 310 11.92 3.45 18.17
N PRO A 311 12.34 4.69 18.55
CA PRO A 311 11.64 5.46 19.58
C PRO A 311 10.25 5.86 19.09
N VAL A 312 9.34 6.12 20.06
CA VAL A 312 7.94 6.44 19.81
C VAL A 312 7.82 7.69 18.94
N THR A 313 8.86 8.54 18.89
CA THR A 313 8.76 9.80 18.11
C THR A 313 8.93 9.63 16.60
N GLU A 314 9.45 8.45 16.19
CA GLU A 314 9.59 8.11 14.79
C GLU A 314 8.23 7.67 14.25
N PRO A 315 7.94 8.01 12.99
CA PRO A 315 6.73 7.52 12.34
C PRO A 315 6.84 6.00 12.09
N TYR A 316 5.71 5.31 12.31
CA TYR A 316 5.61 3.88 12.07
C TYR A 316 6.76 3.20 12.83
N HIS A 317 6.90 3.55 14.11
CA HIS A 317 8.08 3.18 14.87
C HIS A 317 8.24 1.67 15.06
N THR A 318 7.22 0.88 14.74
CA THR A 318 7.30 -0.55 14.97
C THR A 318 7.32 -1.29 13.65
N TYR A 319 7.52 -0.54 12.54
CA TYR A 319 7.46 -1.16 11.21
C TYR A 319 8.72 -1.01 10.38
N TRP A 320 9.85 -0.73 11.02
CA TRP A 320 11.13 -0.64 10.31
C TRP A 320 11.84 -1.98 10.38
N SER A 321 12.15 -2.54 9.23
CA SER A 321 12.65 -3.90 9.14
C SER A 321 14.10 -4.03 9.62
N LYS A 322 14.41 -5.22 10.15
CA LYS A 322 15.79 -5.66 10.34
C LYS A 322 16.50 -5.94 9.01
N PHE A 323 15.78 -5.95 7.88
CA PHE A 323 16.36 -6.07 6.54
C PHE A 323 16.20 -4.73 5.79
N ASN A 324 17.30 -4.00 5.62
CA ASN A 324 17.21 -2.59 5.27
C ASN A 324 18.44 -2.18 4.47
N ARG A 325 18.40 -0.94 3.95
CA ARG A 325 19.52 -0.46 3.15
C ARG A 325 20.79 -0.53 3.95
N GLY A 326 20.78 -0.12 5.21
CA GLY A 326 22.00 0.01 6.00
C GLY A 326 22.74 -1.31 6.21
N ASN A 327 22.07 -2.45 6.00
CA ASN A 327 22.79 -3.72 6.15
C ASN A 327 22.66 -4.54 4.86
N ALA A 328 22.36 -3.85 3.74
CA ALA A 328 22.20 -4.51 2.45
C ALA A 328 21.24 -5.69 2.56
N TYR A 329 20.13 -5.47 3.29
CA TYR A 329 19.03 -6.42 3.43
C TYR A 329 19.52 -7.79 3.92
N GLN A 330 20.64 -7.80 4.66
CA GLN A 330 21.29 -9.03 5.11
C GLN A 330 21.50 -10.00 3.93
N PHE A 331 21.86 -9.46 2.76
CA PHE A 331 22.24 -10.20 1.58
C PHE A 331 23.22 -11.33 1.93
N ASP A 332 23.01 -12.52 1.34
CA ASP A 332 23.82 -13.69 1.66
C ASP A 332 24.37 -14.25 0.35
N TYR A 333 25.63 -13.98 0.08
CA TYR A 333 26.18 -14.41 -1.21
C TYR A 333 26.15 -15.94 -1.32
N GLN A 334 26.47 -16.64 -0.22
CA GLN A 334 26.58 -18.07 -0.30
C GLN A 334 25.24 -18.65 -0.72
N SER A 335 24.12 -18.09 -0.22
CA SER A 335 22.85 -18.66 -0.65
C SER A 335 22.53 -18.39 -2.12
N GLN A 336 23.08 -17.29 -2.66
CA GLN A 336 22.86 -16.95 -4.06
C GLN A 336 23.59 -17.98 -4.94
N VAL A 337 24.79 -18.38 -4.48
CA VAL A 337 25.60 -19.37 -5.18
C VAL A 337 24.88 -20.71 -5.16
N GLU A 338 24.31 -21.10 -4.00
CA GLU A 338 23.94 -22.48 -3.78
C GLU A 338 22.48 -22.75 -4.11
N LYS A 339 21.59 -21.79 -3.84
CA LYS A 339 20.18 -22.15 -3.79
C LYS A 339 19.25 -21.15 -4.49
N TYR A 340 19.50 -19.84 -4.37
CA TYR A 340 18.49 -18.87 -4.80
C TYR A 340 19.05 -17.93 -5.86
N ASN A 341 18.22 -17.60 -6.87
CA ASN A 341 18.70 -16.70 -7.91
C ASN A 341 19.23 -15.44 -7.24
N SER A 342 18.50 -14.94 -6.23
CA SER A 342 18.90 -13.76 -5.46
C SER A 342 19.16 -14.14 -4.00
N GLY A 343 20.29 -13.68 -3.46
CA GLY A 343 20.70 -14.02 -2.10
C GLY A 343 20.00 -13.20 -1.01
N MET A 344 18.91 -12.47 -1.34
CA MET A 344 18.17 -11.79 -0.28
C MET A 344 17.33 -12.82 0.45
N PRO A 345 17.34 -12.83 1.81
CA PRO A 345 16.70 -13.92 2.56
C PRO A 345 15.17 -13.91 2.67
N GLY A 346 14.47 -13.69 1.54
CA GLY A 346 13.01 -13.72 1.52
C GLY A 346 12.38 -13.03 0.31
N LEU A 347 11.08 -13.25 0.13
CA LEU A 347 10.40 -12.83 -1.10
C LEU A 347 10.30 -11.31 -1.15
N TRP A 348 9.69 -10.68 -0.13
CA TRP A 348 9.54 -9.21 -0.20
C TRP A 348 10.92 -8.55 -0.28
N ILE A 349 11.88 -9.12 0.45
CA ILE A 349 13.24 -8.55 0.50
C ILE A 349 13.89 -8.53 -0.90
N GLN A 350 13.76 -9.65 -1.64
CA GLN A 350 14.26 -9.67 -3.00
C GLN A 350 13.64 -8.53 -3.82
N ASP A 351 12.33 -8.34 -3.69
CA ASP A 351 11.66 -7.23 -4.36
C ASP A 351 12.24 -5.89 -3.89
N ALA A 352 12.33 -5.71 -2.57
CA ALA A 352 12.67 -4.42 -2.02
C ALA A 352 14.06 -4.02 -2.48
N ALA A 353 15.00 -4.99 -2.46
CA ALA A 353 16.38 -4.63 -2.72
C ALA A 353 16.55 -4.16 -4.16
N CYS A 354 15.84 -4.82 -5.10
CA CYS A 354 15.89 -4.46 -6.51
C CYS A 354 15.14 -3.13 -6.75
N GLN A 355 13.89 -3.07 -6.33
CA GLN A 355 13.05 -1.93 -6.67
C GLN A 355 13.50 -0.64 -5.97
N SER A 356 14.10 -0.76 -4.79
CA SER A 356 14.61 0.41 -4.07
C SER A 356 15.86 0.97 -4.73
N GLY A 357 16.50 0.18 -5.62
CA GLY A 357 17.64 0.66 -6.39
C GLY A 357 18.75 1.18 -5.49
N THR A 358 19.60 2.05 -6.05
CA THR A 358 20.78 2.53 -5.37
C THR A 358 20.56 3.92 -4.78
N THR A 359 19.32 4.41 -4.88
CA THR A 359 18.99 5.69 -4.30
C THR A 359 17.49 5.65 -4.02
N PRO A 360 16.93 6.41 -3.05
CA PRO A 360 15.52 6.33 -2.76
C PRO A 360 14.51 6.73 -3.84
N ILE A 361 14.87 7.64 -4.74
CA ILE A 361 13.96 8.05 -5.81
C ILE A 361 14.58 7.69 -7.17
N LEU A 362 13.95 6.75 -7.88
CA LEU A 362 14.39 6.41 -9.22
C LEU A 362 14.23 7.60 -10.17
N ASP A 363 15.25 7.86 -10.99
CA ASP A 363 15.11 8.87 -12.03
C ASP A 363 14.76 8.15 -13.33
N ARG A 364 13.47 8.18 -13.69
CA ARG A 364 12.98 7.45 -14.85
C ARG A 364 13.52 8.04 -16.16
N SER A 365 14.06 9.26 -16.13
CA SER A 365 14.58 9.82 -17.36
C SER A 365 15.88 9.11 -17.74
N LYS A 366 16.43 8.31 -16.81
CA LYS A 366 17.67 7.57 -17.05
C LYS A 366 17.44 6.09 -17.38
N GLU A 367 16.19 5.58 -17.26
CA GLU A 367 15.89 4.16 -17.41
C GLU A 367 15.89 3.78 -18.89
N HIS A 368 15.85 2.47 -19.17
CA HIS A 368 15.73 1.99 -20.55
C HIS A 368 14.70 0.87 -20.56
N LEU A 369 13.41 1.19 -20.83
CA LEU A 369 12.33 0.20 -20.74
C LEU A 369 12.39 -0.83 -21.88
N GLY A 370 11.87 -2.04 -21.62
CA GLY A 370 11.66 -3.01 -22.69
C GLY A 370 10.18 -3.40 -22.76
N THR A 371 9.86 -4.45 -23.55
CA THR A 371 8.48 -4.90 -23.65
C THR A 371 8.01 -5.42 -22.29
N SER A 372 8.93 -5.91 -21.43
CA SER A 372 8.47 -6.43 -20.15
C SER A 372 7.87 -5.33 -19.27
N ASP A 373 8.13 -4.04 -19.59
CA ASP A 373 7.61 -2.90 -18.85
C ASP A 373 6.34 -2.32 -19.47
N THR A 374 5.71 -3.03 -20.41
CA THR A 374 4.50 -2.52 -21.08
C THR A 374 3.46 -2.06 -20.05
N GLY A 375 3.21 -2.91 -19.06
CA GLY A 375 2.20 -2.61 -18.06
C GLY A 375 2.64 -1.43 -17.20
N VAL A 376 3.93 -1.41 -16.85
CA VAL A 376 4.45 -0.31 -16.04
C VAL A 376 4.23 0.99 -16.82
N ALA A 377 4.58 0.99 -18.11
CA ALA A 377 4.48 2.23 -18.88
C ALA A 377 3.04 2.70 -18.95
N ARG A 378 2.12 1.76 -19.16
CA ARG A 378 0.69 2.07 -19.26
C ARG A 378 0.13 2.59 -17.94
N MET A 379 0.57 2.00 -16.80
CA MET A 379 0.09 2.52 -15.54
C MET A 379 0.58 3.96 -15.34
N ARG A 380 1.81 4.28 -15.77
CA ARG A 380 2.34 5.63 -15.56
C ARG A 380 1.52 6.64 -16.36
N ARG A 381 1.12 6.19 -17.57
CA ARG A 381 0.31 6.99 -18.48
C ARG A 381 -0.98 7.42 -17.78
N VAL A 382 -1.64 6.46 -17.11
CA VAL A 382 -2.87 6.73 -16.37
C VAL A 382 -2.59 7.79 -15.28
N LEU A 383 -1.51 7.56 -14.50
CA LEU A 383 -1.18 8.51 -13.43
C LEU A 383 -0.92 9.90 -14.00
N LEU A 384 -0.10 9.95 -15.04
CA LEU A 384 0.38 11.25 -15.51
C LEU A 384 -0.78 12.04 -16.10
N GLU A 385 -1.65 11.36 -16.87
CA GLU A 385 -2.81 11.99 -17.48
C GLU A 385 -3.67 12.59 -16.38
N ALA A 386 -3.89 11.79 -15.32
CA ALA A 386 -4.76 12.23 -14.23
C ALA A 386 -4.17 13.47 -13.55
N VAL A 387 -2.87 13.42 -13.23
CA VAL A 387 -2.27 14.47 -12.43
C VAL A 387 -2.18 15.75 -13.27
N LYS A 388 -1.98 15.59 -14.57
CA LYS A 388 -1.85 16.73 -15.47
C LYS A 388 -3.19 17.44 -15.65
N LYS A 389 -4.29 16.69 -15.84
CA LYS A 389 -5.62 17.28 -15.89
C LYS A 389 -5.96 18.01 -14.60
N LEU A 390 -5.53 17.44 -13.47
CA LEU A 390 -5.78 18.05 -12.17
C LEU A 390 -5.07 19.39 -12.08
N VAL A 391 -3.81 19.45 -12.58
CA VAL A 391 -3.01 20.66 -12.60
C VAL A 391 -3.57 21.64 -13.65
N ALA A 392 -3.95 21.14 -14.81
CA ALA A 392 -4.30 22.01 -15.92
C ALA A 392 -5.67 22.63 -15.68
N THR A 393 -6.66 21.80 -15.29
CA THR A 393 -8.04 22.25 -15.30
C THR A 393 -8.72 22.04 -13.95
N GLY A 394 -8.02 21.48 -12.96
CA GLY A 394 -8.60 21.19 -11.66
C GLY A 394 -9.55 19.98 -11.61
N GLU A 395 -9.64 19.22 -12.71
CA GLU A 395 -10.51 18.05 -12.80
C GLU A 395 -9.96 16.90 -11.93
N HIS A 396 -10.83 16.31 -11.09
CA HIS A 396 -10.52 15.14 -10.26
C HIS A 396 -10.67 13.86 -11.07
N PRO A 397 -9.90 12.78 -10.77
CA PRO A 397 -10.10 11.50 -11.45
C PRO A 397 -11.49 10.99 -11.09
N VAL A 398 -12.16 10.36 -12.07
CA VAL A 398 -13.44 9.69 -11.87
C VAL A 398 -13.39 8.82 -10.61
N SER A 399 -12.29 8.08 -10.44
CA SER A 399 -12.27 7.05 -9.40
C SER A 399 -12.20 7.68 -8.00
N SER A 400 -11.93 9.00 -7.92
CA SER A 400 -11.88 9.64 -6.63
C SER A 400 -13.27 9.89 -6.05
N ASN A 401 -14.33 9.61 -6.84
CA ASN A 401 -15.69 9.79 -6.34
C ASN A 401 -16.59 8.62 -6.76
N ALA A 402 -16.06 7.39 -6.71
CA ALA A 402 -16.82 6.27 -7.25
C ALA A 402 -16.39 5.00 -6.53
N PRO A 403 -16.84 4.75 -5.28
CA PRO A 403 -16.35 3.58 -4.54
C PRO A 403 -16.55 2.28 -5.30
N ALA A 404 -17.62 2.21 -6.12
CA ALA A 404 -17.99 0.93 -6.71
C ALA A 404 -17.07 0.63 -7.88
N ALA A 405 -16.25 1.60 -8.30
CA ALA A 405 -15.30 1.36 -9.38
C ALA A 405 -14.14 0.44 -8.95
N PHE A 406 -13.97 0.14 -7.65
CA PHE A 406 -12.80 -0.61 -7.21
C PHE A 406 -13.09 -2.11 -7.11
N ARG A 407 -14.26 -2.55 -7.57
CA ARG A 407 -14.62 -3.95 -7.33
C ARG A 407 -13.97 -4.88 -8.35
N TRP A 408 -12.63 -5.01 -8.27
CA TRP A 408 -11.83 -5.78 -9.22
C TRP A 408 -11.09 -6.91 -8.52
N ARG A 409 -10.73 -7.93 -9.33
CA ARG A 409 -9.84 -9.01 -8.95
C ARG A 409 -8.81 -9.24 -10.06
N ALA A 410 -7.58 -9.52 -9.65
CA ALA A 410 -6.60 -10.11 -10.55
C ALA A 410 -7.03 -11.57 -10.76
N VAL A 411 -6.68 -12.12 -11.94
CA VAL A 411 -7.06 -13.48 -12.31
C VAL A 411 -5.89 -14.17 -13.01
N SER A 412 -5.87 -15.51 -12.94
CA SER A 412 -4.87 -16.30 -13.64
C SER A 412 -5.59 -17.38 -14.47
N LEU A 413 -5.86 -17.06 -15.74
CA LEU A 413 -6.78 -17.85 -16.55
C LEU A 413 -6.02 -18.72 -17.55
N THR A 414 -6.60 -19.88 -17.83
CA THR A 414 -6.17 -20.81 -18.87
C THR A 414 -7.22 -20.73 -19.97
N ILE A 415 -6.78 -20.37 -21.19
CA ILE A 415 -7.71 -20.02 -22.25
C ILE A 415 -7.15 -20.52 -23.58
N PRO A 416 -7.96 -20.63 -24.68
CA PRO A 416 -7.42 -21.13 -25.95
C PRO A 416 -6.34 -20.14 -26.41
N LEU A 417 -5.34 -20.66 -27.13
CA LEU A 417 -4.35 -19.80 -27.76
C LEU A 417 -5.07 -18.64 -28.46
N GLY A 418 -4.61 -17.42 -28.17
CA GLY A 418 -5.10 -16.19 -28.80
C GLY A 418 -6.44 -15.72 -28.23
N GLY A 419 -6.90 -16.33 -27.14
CA GLY A 419 -8.23 -16.02 -26.62
C GLY A 419 -8.35 -14.55 -26.18
N ASP A 420 -9.60 -14.09 -26.04
CA ASP A 420 -9.89 -12.78 -25.49
C ASP A 420 -10.19 -12.93 -24.00
N TRP A 421 -9.15 -12.75 -23.15
CA TRP A 421 -9.28 -12.80 -21.71
C TRP A 421 -10.26 -11.77 -21.14
N THR A 422 -10.43 -10.63 -21.84
CA THR A 422 -11.31 -9.59 -21.35
C THR A 422 -12.76 -10.06 -21.35
N LYS A 423 -13.08 -10.98 -22.27
CA LYS A 423 -14.41 -11.58 -22.35
C LYS A 423 -14.45 -12.87 -21.52
N LEU A 424 -13.43 -13.72 -21.66
CA LEU A 424 -13.43 -14.99 -20.96
C LEU A 424 -13.29 -14.79 -19.46
N GLY A 425 -12.64 -13.69 -19.07
CA GLY A 425 -12.37 -13.43 -17.66
C GLY A 425 -13.24 -12.31 -17.10
N GLU A 426 -14.20 -11.83 -17.90
CA GLU A 426 -15.05 -10.72 -17.51
C GLU A 426 -15.67 -10.93 -16.12
N GLU A 427 -16.10 -12.14 -15.84
CA GLU A 427 -16.87 -12.36 -14.62
C GLU A 427 -15.92 -12.59 -13.44
N ALA A 428 -14.86 -13.39 -13.67
CA ALA A 428 -13.82 -13.71 -12.69
C ALA A 428 -13.08 -12.46 -12.21
N MET A 429 -12.97 -11.41 -13.05
CA MET A 429 -12.29 -10.17 -12.65
C MET A 429 -13.22 -9.26 -11.84
N ARG A 430 -14.50 -9.64 -11.72
CA ARG A 430 -15.46 -8.87 -10.93
C ARG A 430 -15.45 -9.37 -9.48
N ALA A 431 -15.23 -8.44 -8.55
CA ALA A 431 -15.32 -8.75 -7.14
C ALA A 431 -16.79 -8.84 -6.73
N GLU A 432 -17.16 -9.86 -5.95
CA GLU A 432 -18.50 -9.96 -5.40
C GLU A 432 -18.49 -10.62 -4.01
N PRO A 433 -19.41 -10.23 -3.09
CA PRO A 433 -19.38 -10.73 -1.71
C PRO A 433 -19.44 -12.25 -1.66
N GLY A 434 -18.35 -12.88 -1.19
CA GLY A 434 -18.34 -14.32 -0.95
C GLY A 434 -18.38 -15.17 -2.22
N LYS A 435 -18.22 -14.58 -3.41
CA LYS A 435 -18.11 -15.36 -4.63
C LYS A 435 -16.70 -15.94 -4.76
N ASP A 436 -16.61 -17.20 -5.19
CA ASP A 436 -15.35 -17.92 -5.26
C ASP A 436 -14.60 -17.45 -6.51
N PHE A 437 -13.42 -18.02 -6.79
CA PHE A 437 -12.63 -17.62 -7.94
C PHE A 437 -13.39 -17.73 -9.27
N GLY A 438 -14.16 -18.83 -9.45
CA GLY A 438 -14.87 -19.06 -10.71
C GLY A 438 -13.97 -19.69 -11.79
N TYR A 439 -12.82 -20.22 -11.38
CA TYR A 439 -11.92 -20.94 -12.30
C TYR A 439 -10.85 -21.59 -11.44
N THR A 440 -9.90 -22.31 -12.08
CA THR A 440 -8.82 -22.91 -11.31
C THR A 440 -7.54 -22.13 -11.56
N PRO A 441 -7.04 -21.37 -10.55
CA PRO A 441 -5.83 -20.55 -10.72
C PRO A 441 -4.63 -21.30 -11.32
C1 EDO B . 15.68 12.79 -9.95
O1 EDO B . 15.93 13.19 -8.61
C2 EDO B . 14.76 13.68 -10.76
O2 EDO B . 13.37 13.55 -10.46
C1 EDO C . -15.82 -4.50 -12.87
O1 EDO C . -16.04 -4.35 -11.49
C2 EDO C . -15.16 -5.80 -13.15
O2 EDO C . -15.82 -6.49 -14.21
C1 EDO D . 8.48 0.04 -24.86
O1 EDO D . 7.23 -0.20 -25.47
C2 EDO D . 8.23 0.26 -23.43
O2 EDO D . 7.23 -0.63 -22.95
N GLU E . 4.47 -9.43 -5.28
CA GLU E . 4.70 -10.51 -6.27
C GLU E . 6.20 -10.60 -6.55
O GLU E . 6.67 -11.57 -7.15
CB GLU E . 3.94 -10.20 -7.56
CG GLU E . 3.83 -11.38 -8.50
CD GLU E . 3.40 -11.04 -9.91
OE1 GLU E . 2.97 -11.95 -10.64
OE2 GLU E . 3.50 -9.86 -10.30
OXT GLU E . 6.98 -9.73 -6.20
N GLY F . -2.90 16.37 33.47
CA GLY F . -4.21 16.58 34.14
C GLY F . -4.35 18.01 34.64
O GLY F . -3.38 18.63 35.05
OXT GLY F . -5.43 18.61 34.63
FE1 FES G . 1.47 24.35 25.54
FE2 FES G . 1.03 22.04 24.12
S1 FES G . -0.24 22.99 25.71
S2 FES G . 2.82 23.37 24.04
FE FE2 H . 8.65 -10.03 -6.82
C1 EDO I . 13.10 10.56 8.22
O1 EDO I . 14.23 10.38 9.03
C2 EDO I . 12.32 9.32 8.12
O2 EDO I . 11.47 9.12 9.22
C1 GOL J . 4.30 24.43 14.26
O1 GOL J . 3.43 23.33 13.99
C2 GOL J . 4.54 24.64 15.73
O2 GOL J . 5.61 25.56 15.95
C3 GOL J . 3.32 25.04 16.52
O3 GOL J . 3.66 25.78 17.68
#